data_2XR7
#
_entry.id   2XR7
#
_cell.length_a   98.079
_cell.length_b   98.079
_cell.length_c   151.840
_cell.angle_alpha   90.00
_cell.angle_beta   90.00
_cell.angle_gamma   90.00
#
_symmetry.space_group_name_H-M   'P 42 21 2'
#
loop_
_entity.id
_entity.type
_entity.pdbx_description
1 polymer MALONYLTRANSFERASE
2 non-polymer 'MALONYL-COENZYME A'
#
_entity_poly.entity_id   1
_entity_poly.type   'polypeptide(L)'
_entity_poly.pdbx_seq_one_letter_code
;(MSE)ASVIEQCQVVPSPGSATELTLPLTYFDHVWLAFHR(MSE)RRILFYKLPISRPDFVQTIIPTLKDSLSLTLKYYL
PLAGNVACPQDWSGYPELRYVTGNSVSVIFSESD(MSE)DFNYLIGYHPRNTKDFYHFVPQLAEPKDAPGVQLAPVLAIQ
VTLFPNHGISIGFTNHHVAGDGATIVKFVRAWALLNKFGGDEQFLANEFIPFYDRSVIKDPNGVG(MSE)SIWNE(MSE)
KKYKH(MSE)(MSE)K(MSE)SDVVTPPDKVRGTFIITRHDIGKLKNLVLTRRPKLTHVTSFTVTCAYVWTCIIKSEAAT
GEEIDENG(MSE)EFFGCAADCRAQFNPPLPPSYFGNALVGYVARTRQVDLAGKEGFTIAVELIGEAIRKR(MSE)KDEE
WILSGSWFKEYDKVDAKRSLSVAGSPKLDLYAADFGWGRPEKLEFVSIDNDDGIS(MSE)SLSKSKDSDGDLEIGLSLSK
TR(MSE)NAFAA(MSE)FTHGISFL
;
_entity_poly.pdbx_strand_id   A
#
loop_
_chem_comp.id
_chem_comp.type
_chem_comp.name
_chem_comp.formula
MLC non-polymer 'MALONYL-COENZYME A' 'C24 H38 N7 O19 P3 S'
#
# COMPACT_ATOMS: atom_id res chain seq x y z
N ALA A 2 12.57 7.51 -21.27
CA ALA A 2 12.36 7.50 -22.76
C ALA A 2 11.07 6.78 -23.07
N SER A 3 10.14 7.43 -23.78
CA SER A 3 8.80 6.87 -24.05
C SER A 3 8.68 6.04 -25.35
N VAL A 4 8.04 4.87 -25.25
CA VAL A 4 7.91 3.94 -26.41
C VAL A 4 6.55 4.00 -27.11
N ILE A 5 5.48 4.06 -26.33
CA ILE A 5 4.12 4.01 -26.85
C ILE A 5 3.21 4.20 -25.63
N GLU A 6 2.34 5.20 -25.70
CA GLU A 6 1.30 5.34 -24.70
C GLU A 6 0.01 4.76 -25.23
N GLN A 7 -0.60 3.89 -24.44
CA GLN A 7 -1.95 3.47 -24.71
C GLN A 7 -2.87 4.30 -23.81
N CYS A 8 -3.09 5.56 -24.21
CA CYS A 8 -3.97 6.53 -23.52
C CYS A 8 -5.26 5.81 -23.11
N GLN A 9 -5.61 4.83 -23.97
CA GLN A 9 -6.71 3.92 -23.73
C GLN A 9 -6.19 2.49 -23.52
N VAL A 10 -6.77 1.82 -22.53
CA VAL A 10 -6.77 0.37 -22.50
C VAL A 10 -8.12 -0.05 -21.96
N VAL A 11 -9.12 -0.08 -22.83
CA VAL A 11 -10.49 -0.33 -22.40
C VAL A 11 -10.70 -1.78 -21.96
N PRO A 12 -11.73 -2.04 -21.10
CA PRO A 12 -12.07 -3.42 -20.70
C PRO A 12 -12.59 -4.27 -21.84
N SER A 13 -12.32 -5.57 -21.78
CA SER A 13 -12.66 -6.53 -22.86
C SER A 13 -14.13 -6.55 -23.30
N PRO A 14 -14.38 -6.89 -24.58
CA PRO A 14 -15.70 -7.00 -25.18
C PRO A 14 -16.83 -7.31 -24.21
N GLY A 15 -16.70 -8.37 -23.42
CA GLY A 15 -17.81 -8.84 -22.60
C GLY A 15 -18.19 -8.03 -21.36
N SER A 16 -17.69 -6.80 -21.25
CA SER A 16 -17.84 -6.02 -20.02
C SER A 16 -19.16 -5.26 -19.92
N ALA A 17 -19.56 -4.97 -18.69
CA ALA A 17 -20.77 -4.19 -18.42
C ALA A 17 -20.53 -2.73 -18.78
N THR A 18 -21.62 -2.00 -19.00
CA THR A 18 -21.53 -0.63 -19.46
C THR A 18 -21.65 0.35 -18.29
N GLU A 19 -22.56 0.04 -17.37
CA GLU A 19 -22.77 0.81 -16.17
C GLU A 19 -22.01 0.17 -15.00
N LEU A 20 -21.17 0.98 -14.37
CA LEU A 20 -20.80 0.69 -12.99
C LEU A 20 -20.49 1.95 -12.22
N THR A 21 -21.43 2.32 -11.37
CA THR A 21 -21.21 3.43 -10.47
C THR A 21 -21.38 2.99 -9.02
N LEU A 22 -20.38 3.31 -8.20
CA LEU A 22 -20.33 2.87 -6.82
C LEU A 22 -20.19 4.03 -5.84
N PRO A 23 -21.22 4.23 -4.99
CA PRO A 23 -21.17 5.28 -4.00
C PRO A 23 -20.19 4.86 -2.91
N LEU A 24 -19.55 5.82 -2.26
CA LEU A 24 -18.47 5.52 -1.34
C LEU A 24 -18.97 5.11 0.02
N THR A 25 -18.43 4.00 0.55
CA THR A 25 -18.68 3.68 1.95
C THR A 25 -17.94 4.69 2.81
N TYR A 26 -18.20 4.64 4.11
CA TYR A 26 -17.50 5.48 5.05
C TYR A 26 -16.06 5.02 5.15
N PHE A 27 -15.78 3.84 4.64
CA PHE A 27 -14.42 3.39 4.55
C PHE A 27 -13.65 4.16 3.48
N ASP A 28 -14.35 4.55 2.42
CA ASP A 28 -13.69 5.16 1.28
C ASP A 28 -13.42 6.65 1.47
N HIS A 29 -14.26 7.31 2.25
CA HIS A 29 -14.27 8.78 2.29
C HIS A 29 -12.93 9.43 2.61
N VAL A 30 -12.30 8.96 3.68
CA VAL A 30 -11.06 9.57 4.17
C VAL A 30 -9.92 9.56 3.14
N TRP A 31 -9.94 8.56 2.27
CA TRP A 31 -8.84 8.39 1.34
C TRP A 31 -8.84 9.45 0.26
N LEU A 32 -9.89 10.27 0.25
CA LEU A 32 -10.00 11.34 -0.71
C LEU A 32 -8.98 12.42 -0.45
N ALA A 33 -8.57 12.53 0.80
CA ALA A 33 -7.62 13.56 1.22
C ALA A 33 -6.23 12.96 1.32
N PHE A 34 -6.08 11.76 0.78
CA PHE A 34 -4.78 11.11 0.80
C PHE A 34 -4.12 11.13 -0.56
N HIS A 35 -2.81 11.28 -0.58
CA HIS A 35 -2.04 11.21 -1.82
C HIS A 35 -2.18 9.86 -2.50
N ARG A 36 -1.50 9.67 -3.61
CA ARG A 36 -1.76 8.51 -4.42
C ARG A 36 -0.75 7.44 -4.06
N MSE A 37 -1.04 6.19 -4.45
CA MSE A 37 -0.20 5.04 -4.11
C MSE A 37 0.65 4.63 -5.28
O MSE A 37 0.18 4.58 -6.42
CB MSE A 37 -1.08 3.86 -3.70
CG MSE A 37 -2.15 4.21 -2.68
SE MSE A 37 -1.26 4.80 -1.06
CE MSE A 37 -2.72 5.76 -0.18
N ARG A 38 1.92 4.35 -5.01
CA ARG A 38 2.86 3.97 -6.06
C ARG A 38 3.67 2.75 -5.67
N ARG A 39 3.56 1.70 -6.48
CA ARG A 39 4.28 0.45 -6.28
C ARG A 39 4.98 0.10 -7.57
N ILE A 40 6.15 -0.49 -7.44
CA ILE A 40 6.81 -1.03 -8.63
C ILE A 40 7.18 -2.49 -8.40
N LEU A 41 7.14 -3.26 -9.48
CA LEU A 41 7.62 -4.62 -9.47
C LEU A 41 8.69 -4.75 -10.52
N PHE A 42 9.84 -5.25 -10.11
CA PHE A 42 10.94 -5.50 -11.04
C PHE A 42 11.03 -6.98 -11.34
N TYR A 43 11.28 -7.28 -12.61
CA TYR A 43 11.41 -8.63 -13.09
C TYR A 43 12.73 -8.77 -13.80
N LYS A 44 13.61 -9.62 -13.27
CA LYS A 44 14.91 -9.89 -13.92
C LYS A 44 14.71 -10.78 -15.15
N LEU A 45 15.14 -10.28 -16.30
CA LEU A 45 14.99 -11.00 -17.58
C LEU A 45 16.10 -10.73 -18.60
N PRO A 46 16.50 -11.75 -19.34
CA PRO A 46 17.41 -11.46 -20.45
C PRO A 46 16.71 -10.91 -21.72
N ILE A 47 15.81 -9.93 -21.56
CA ILE A 47 14.97 -9.40 -22.65
C ILE A 47 15.55 -8.28 -23.56
N SER A 48 15.49 -8.51 -24.87
CA SER A 48 15.88 -7.52 -25.90
C SER A 48 14.77 -6.49 -26.15
N ARG A 49 15.07 -5.39 -26.82
CA ARG A 49 13.99 -4.44 -27.12
C ARG A 49 12.94 -5.02 -28.09
N PRO A 50 13.40 -5.52 -29.28
CA PRO A 50 12.49 -6.11 -30.26
C PRO A 50 11.36 -6.92 -29.64
N ASP A 51 11.71 -7.93 -28.86
CA ASP A 51 10.69 -8.85 -28.36
C ASP A 51 9.93 -8.30 -27.16
N PHE A 52 10.35 -7.14 -26.69
CA PHE A 52 9.58 -6.41 -25.71
C PHE A 52 8.39 -5.77 -26.45
N VAL A 53 8.71 -5.10 -27.53
CA VAL A 53 7.71 -4.61 -28.47
C VAL A 53 6.85 -5.73 -29.11
N GLN A 54 7.50 -6.80 -29.64
CA GLN A 54 6.80 -7.93 -30.29
C GLN A 54 5.78 -8.57 -29.39
N THR A 55 6.20 -8.85 -28.16
CA THR A 55 5.47 -9.77 -27.28
C THR A 55 4.92 -9.11 -26.05
N ILE A 56 5.82 -8.65 -25.20
CA ILE A 56 5.40 -8.13 -23.93
C ILE A 56 4.23 -7.14 -24.08
N ILE A 57 4.37 -6.18 -24.99
CA ILE A 57 3.32 -5.16 -25.17
C ILE A 57 1.98 -5.78 -25.56
N PRO A 58 1.87 -6.35 -26.78
CA PRO A 58 0.57 -6.96 -27.10
C PRO A 58 0.01 -7.85 -25.97
N THR A 59 0.81 -8.80 -25.49
CA THR A 59 0.33 -9.73 -24.49
C THR A 59 -0.13 -9.03 -23.21
N LEU A 60 0.67 -8.08 -22.71
CA LEU A 60 0.24 -7.33 -21.52
C LEU A 60 -1.03 -6.57 -21.82
N LYS A 61 -1.04 -5.88 -22.96
CA LYS A 61 -2.16 -5.05 -23.40
C LYS A 61 -3.42 -5.88 -23.36
N ASP A 62 -3.38 -7.11 -23.89
CA ASP A 62 -4.57 -7.96 -23.84
C ASP A 62 -4.95 -8.30 -22.41
N SER A 63 -4.11 -9.13 -21.80
CA SER A 63 -4.31 -9.61 -20.44
C SER A 63 -4.80 -8.53 -19.50
N LEU A 64 -4.43 -7.28 -19.78
CA LEU A 64 -4.88 -6.21 -18.92
C LEU A 64 -6.36 -5.94 -19.10
N SER A 65 -6.77 -5.71 -20.34
CA SER A 65 -8.17 -5.33 -20.60
C SER A 65 -9.08 -6.42 -20.04
N LEU A 66 -8.70 -7.64 -20.31
CA LEU A 66 -9.34 -8.80 -19.76
C LEU A 66 -9.50 -8.71 -18.25
N THR A 67 -8.41 -8.33 -17.57
CA THR A 67 -8.43 -8.16 -16.12
C THR A 67 -9.47 -7.13 -15.73
N LEU A 68 -9.43 -5.97 -16.38
CA LEU A 68 -10.32 -4.84 -16.06
C LEU A 68 -11.80 -5.13 -16.24
N LYS A 69 -12.15 -6.07 -17.12
CA LYS A 69 -13.53 -6.55 -17.22
C LYS A 69 -13.97 -7.12 -15.88
N TYR A 70 -13.03 -7.56 -15.07
CA TYR A 70 -13.35 -7.98 -13.72
C TYR A 70 -13.27 -6.83 -12.70
N TYR A 71 -12.12 -6.15 -12.67
CA TYR A 71 -11.85 -5.03 -11.77
C TYR A 71 -12.22 -3.70 -12.45
N LEU A 72 -13.51 -3.58 -12.77
CA LEU A 72 -14.04 -2.51 -13.62
C LEU A 72 -13.79 -1.08 -13.16
N PRO A 73 -14.10 -0.74 -11.90
CA PRO A 73 -13.88 0.65 -11.47
C PRO A 73 -12.47 1.17 -11.73
N LEU A 74 -11.50 0.26 -11.88
CA LEU A 74 -10.14 0.71 -12.11
C LEU A 74 -9.94 1.40 -13.47
N ALA A 75 -10.89 1.27 -14.39
CA ALA A 75 -10.88 2.12 -15.58
C ALA A 75 -11.65 3.42 -15.31
N GLY A 76 -12.38 3.42 -14.20
CA GLY A 76 -13.30 4.52 -13.85
C GLY A 76 -12.61 5.77 -13.29
N ASN A 77 -13.35 6.53 -12.49
CA ASN A 77 -12.94 7.90 -12.26
C ASN A 77 -13.26 8.59 -10.94
N VAL A 78 -13.81 7.92 -9.95
CA VAL A 78 -14.23 8.65 -8.71
C VAL A 78 -14.78 10.08 -8.94
N ALA A 79 -16.10 10.19 -8.84
CA ALA A 79 -16.78 11.46 -9.01
C ALA A 79 -16.76 12.22 -7.71
N CYS A 80 -16.44 13.51 -7.79
CA CYS A 80 -16.37 14.34 -6.62
C CYS A 80 -17.32 15.53 -6.70
N PRO A 81 -18.39 15.49 -5.89
CA PRO A 81 -19.42 16.53 -5.78
C PRO A 81 -18.84 17.91 -5.54
N GLN A 82 -19.39 18.91 -6.22
CA GLN A 82 -18.88 20.28 -6.14
C GLN A 82 -19.71 21.16 -5.22
N ASP A 83 -21.03 21.02 -5.28
CA ASP A 83 -21.88 21.66 -4.29
C ASP A 83 -22.31 20.65 -3.23
N TRP A 84 -22.95 21.15 -2.17
CA TRP A 84 -23.26 20.37 -0.98
C TRP A 84 -24.45 19.42 -1.20
N SER A 85 -24.44 18.75 -2.35
CA SER A 85 -25.45 17.77 -2.72
C SER A 85 -25.15 16.42 -2.06
N GLY A 86 -23.88 16.08 -1.94
CA GLY A 86 -23.50 14.84 -1.28
C GLY A 86 -23.14 13.71 -2.24
N TYR A 87 -22.80 12.55 -1.66
CA TYR A 87 -22.40 11.29 -2.34
C TYR A 87 -21.33 11.37 -3.44
N PRO A 88 -20.07 11.12 -3.06
CA PRO A 88 -19.03 10.78 -4.02
C PRO A 88 -19.23 9.35 -4.50
N GLU A 89 -19.10 9.16 -5.80
CA GLU A 89 -19.23 7.83 -6.38
C GLU A 89 -17.94 7.44 -7.05
N LEU A 90 -17.70 6.15 -7.22
CA LEU A 90 -16.77 5.68 -8.23
C LEU A 90 -17.62 5.42 -9.48
N ARG A 91 -17.25 6.02 -10.61
CA ARG A 91 -18.04 5.92 -11.84
C ARG A 91 -17.24 5.27 -12.96
N TYR A 92 -17.85 4.33 -13.66
CA TYR A 92 -17.30 3.85 -14.93
C TYR A 92 -18.35 3.90 -16.00
N VAL A 93 -17.98 4.48 -17.14
CA VAL A 93 -18.85 4.50 -18.31
C VAL A 93 -18.12 4.01 -19.55
N THR A 94 -18.84 3.23 -20.36
CA THR A 94 -18.31 2.78 -21.63
C THR A 94 -17.62 3.94 -22.33
N GLY A 95 -16.30 3.83 -22.44
CA GLY A 95 -15.52 4.86 -23.09
C GLY A 95 -14.25 5.13 -22.32
N ASN A 96 -14.37 5.48 -21.05
CA ASN A 96 -13.18 5.77 -20.27
C ASN A 96 -12.32 4.52 -20.10
N SER A 97 -11.04 4.74 -19.83
CA SER A 97 -10.03 3.70 -19.92
C SER A 97 -8.77 3.98 -19.10
N VAL A 98 -7.90 2.99 -19.02
CA VAL A 98 -6.64 3.13 -18.29
C VAL A 98 -5.49 3.61 -19.17
N SER A 99 -4.71 4.53 -18.63
CA SER A 99 -3.58 5.07 -19.31
C SER A 99 -2.42 4.17 -18.97
N VAL A 100 -1.77 3.58 -19.99
CA VAL A 100 -0.53 2.85 -19.76
C VAL A 100 0.58 3.37 -20.66
N ILE A 101 1.80 3.35 -20.15
CA ILE A 101 2.95 3.77 -20.92
C ILE A 101 4.02 2.70 -20.91
N PHE A 102 4.47 2.37 -22.11
CA PHE A 102 5.63 1.56 -22.26
C PHE A 102 6.81 2.48 -22.56
N SER A 103 7.85 2.33 -21.75
CA SER A 103 9.04 3.15 -21.86
C SER A 103 10.24 2.23 -21.85
N GLU A 104 11.38 2.77 -22.23
CA GLU A 104 12.66 2.07 -22.22
C GLU A 104 13.62 2.95 -21.42
N SER A 105 14.59 2.33 -20.77
CA SER A 105 15.42 3.02 -19.77
C SER A 105 16.86 2.52 -19.72
N ASP A 106 17.83 3.43 -19.69
CA ASP A 106 19.24 3.02 -19.68
C ASP A 106 19.89 2.98 -18.28
N MSE A 107 19.07 3.15 -17.24
CA MSE A 107 19.54 3.10 -15.85
C MSE A 107 19.94 1.70 -15.42
O MSE A 107 19.36 0.73 -15.91
CB MSE A 107 18.44 3.56 -14.92
CG MSE A 107 18.15 5.04 -14.95
SE MSE A 107 17.28 5.45 -13.25
CE MSE A 107 18.80 5.07 -12.07
N ASP A 108 20.88 1.61 -14.50
CA ASP A 108 21.34 0.32 -13.97
C ASP A 108 20.26 -0.42 -13.17
N PHE A 109 19.67 -1.42 -13.82
CA PHE A 109 18.72 -2.34 -13.24
C PHE A 109 19.30 -2.97 -11.97
N ASN A 110 20.43 -3.66 -12.10
CA ASN A 110 21.03 -4.35 -10.95
C ASN A 110 21.22 -3.51 -9.71
N TYR A 111 21.52 -2.24 -9.93
CA TYR A 111 21.56 -1.26 -8.87
C TYR A 111 20.18 -1.17 -8.23
N LEU A 112 19.18 -0.77 -9.01
CA LEU A 112 17.82 -0.52 -8.50
C LEU A 112 17.22 -1.64 -7.65
N ILE A 113 17.56 -2.88 -7.95
CA ILE A 113 16.89 -4.01 -7.30
C ILE A 113 17.69 -4.53 -6.12
N GLY A 114 18.74 -3.80 -5.75
CA GLY A 114 19.54 -4.15 -4.58
C GLY A 114 18.77 -3.84 -3.31
N TYR A 115 19.27 -4.33 -2.18
CA TYR A 115 18.67 -4.02 -0.88
C TYR A 115 19.39 -2.85 -0.23
N HIS A 116 20.64 -2.63 -0.65
CA HIS A 116 21.42 -1.47 -0.25
C HIS A 116 20.67 -0.16 -0.56
N PRO A 117 20.81 0.84 0.32
CA PRO A 117 20.10 2.12 0.17
C PRO A 117 20.32 2.80 -1.19
N ARG A 118 19.25 3.25 -1.84
CA ARG A 118 19.33 3.76 -3.21
C ARG A 118 18.62 5.08 -3.34
N ASN A 119 19.20 6.01 -4.08
CA ASN A 119 18.64 7.35 -4.14
C ASN A 119 17.16 7.33 -4.54
N THR A 120 16.35 7.57 -3.52
CA THR A 120 14.91 7.62 -3.59
C THR A 120 14.32 8.29 -4.81
N LYS A 121 15.02 9.27 -5.37
CA LYS A 121 14.46 10.06 -6.48
C LYS A 121 14.36 9.35 -7.82
N ASP A 122 15.02 8.20 -7.95
CA ASP A 122 15.13 7.52 -9.24
C ASP A 122 14.01 6.51 -9.47
N PHE A 123 13.09 6.41 -8.53
CA PHE A 123 12.05 5.42 -8.69
C PHE A 123 10.82 6.06 -9.29
N TYR A 124 10.83 7.38 -9.36
CA TYR A 124 9.69 8.10 -9.89
C TYR A 124 9.68 8.05 -11.41
N HIS A 125 10.81 7.64 -11.97
CA HIS A 125 10.89 7.47 -13.39
C HIS A 125 10.09 6.27 -13.90
N PHE A 126 9.71 5.36 -13.00
CA PHE A 126 9.06 4.15 -13.42
C PHE A 126 7.65 4.00 -12.89
N VAL A 127 7.07 5.12 -12.46
CA VAL A 127 5.69 5.10 -12.02
C VAL A 127 4.99 6.22 -12.73
N PRO A 128 3.84 5.92 -13.34
CA PRO A 128 3.11 6.82 -14.20
C PRO A 128 2.67 8.05 -13.43
N GLN A 129 2.39 9.13 -14.15
CA GLN A 129 2.05 10.39 -13.52
C GLN A 129 0.55 10.63 -13.25
N LEU A 130 -0.35 10.06 -14.04
CA LEU A 130 -1.80 10.00 -13.66
C LEU A 130 -2.67 11.26 -13.88
N ALA A 131 -3.52 11.20 -14.90
CA ALA A 131 -4.14 12.37 -15.52
C ALA A 131 -4.80 13.42 -14.64
N GLU A 132 -4.89 14.61 -15.21
CA GLU A 132 -5.56 15.76 -14.61
C GLU A 132 -7.06 15.59 -14.70
N PRO A 133 -7.79 16.01 -13.65
CA PRO A 133 -9.25 16.04 -13.55
C PRO A 133 -9.96 16.61 -14.78
N LYS A 134 -10.99 15.89 -15.24
CA LYS A 134 -11.92 16.43 -16.22
C LYS A 134 -13.25 16.78 -15.55
N ASP A 135 -14.20 17.30 -16.32
CA ASP A 135 -15.49 17.72 -15.77
C ASP A 135 -16.72 16.99 -16.29
N ALA A 136 -17.67 16.78 -15.38
CA ALA A 136 -19.02 16.31 -15.69
C ALA A 136 -19.99 17.34 -15.10
N PRO A 137 -21.30 17.22 -15.36
CA PRO A 137 -22.11 18.30 -14.81
C PRO A 137 -22.13 18.22 -13.27
N GLY A 138 -21.91 19.37 -12.63
CA GLY A 138 -21.91 19.49 -11.17
C GLY A 138 -20.97 18.59 -10.40
N VAL A 139 -19.96 18.06 -11.09
CA VAL A 139 -19.06 17.06 -10.55
C VAL A 139 -17.71 17.13 -11.25
N GLN A 140 -16.68 16.55 -10.63
CA GLN A 140 -15.42 16.37 -11.32
C GLN A 140 -14.78 14.99 -11.16
N LEU A 141 -14.28 14.49 -12.27
CA LEU A 141 -13.81 13.13 -12.36
C LEU A 141 -12.30 13.09 -12.27
N ALA A 142 -11.79 12.02 -11.66
CA ALA A 142 -10.35 11.85 -11.44
C ALA A 142 -9.91 10.42 -11.73
N PRO A 143 -8.89 10.27 -12.57
CA PRO A 143 -8.45 8.91 -12.94
C PRO A 143 -8.13 8.09 -11.69
N VAL A 144 -8.41 6.81 -11.73
CA VAL A 144 -8.21 6.05 -10.50
C VAL A 144 -6.97 5.17 -10.56
N LEU A 145 -6.46 4.94 -11.78
CA LEU A 145 -5.33 4.05 -11.98
C LEU A 145 -4.55 4.30 -13.27
N ALA A 146 -3.21 4.15 -13.18
CA ALA A 146 -2.31 4.29 -14.33
C ALA A 146 -1.08 3.38 -14.24
N ILE A 147 -0.63 2.87 -15.39
CA ILE A 147 0.41 1.86 -15.39
C ILE A 147 1.57 2.29 -16.24
N GLN A 148 2.78 2.04 -15.75
CA GLN A 148 3.96 2.23 -16.57
C GLN A 148 4.70 0.91 -16.65
N VAL A 149 4.96 0.44 -17.86
CA VAL A 149 5.76 -0.77 -18.04
C VAL A 149 7.10 -0.42 -18.69
N THR A 150 8.18 -0.84 -18.08
CA THR A 150 9.43 -0.23 -18.47
C THR A 150 10.49 -1.26 -18.70
N LEU A 151 11.05 -1.22 -19.90
CA LEU A 151 12.11 -2.13 -20.31
C LEU A 151 13.47 -1.62 -19.90
N PHE A 152 14.29 -2.56 -19.44
CA PHE A 152 15.71 -2.36 -19.24
C PHE A 152 16.49 -3.31 -20.19
N PRO A 153 16.77 -2.81 -21.41
CA PRO A 153 17.38 -3.65 -22.43
C PRO A 153 18.35 -4.65 -21.84
N ASN A 154 17.94 -5.93 -21.83
CA ASN A 154 18.78 -7.08 -21.42
C ASN A 154 18.73 -7.48 -19.94
N HIS A 155 18.06 -6.70 -19.11
CA HIS A 155 18.10 -7.02 -17.70
C HIS A 155 16.73 -7.29 -17.11
N GLY A 156 15.72 -6.57 -17.56
CA GLY A 156 14.40 -6.86 -17.09
C GLY A 156 13.37 -5.84 -17.44
N ILE A 157 12.18 -6.06 -16.86
CA ILE A 157 11.00 -5.19 -17.01
C ILE A 157 10.60 -4.72 -15.63
N SER A 158 10.19 -3.47 -15.52
CA SER A 158 9.53 -3.02 -14.30
C SER A 158 8.07 -2.79 -14.62
N ILE A 159 7.21 -2.86 -13.62
CA ILE A 159 5.82 -2.51 -13.84
C ILE A 159 5.39 -1.59 -12.74
N GLY A 160 5.16 -0.33 -13.08
CA GLY A 160 4.80 0.68 -12.08
C GLY A 160 3.30 0.81 -12.02
N PHE A 161 2.78 1.19 -10.86
CA PHE A 161 1.35 1.44 -10.73
C PHE A 161 1.18 2.69 -9.93
N THR A 162 0.21 3.49 -10.34
CA THR A 162 -0.18 4.63 -9.56
C THR A 162 -1.68 4.48 -9.41
N ASN A 163 -2.19 4.75 -8.22
CA ASN A 163 -3.64 4.63 -8.01
C ASN A 163 -4.16 5.35 -6.78
N HIS A 164 -5.39 5.81 -6.89
CA HIS A 164 -6.13 6.48 -5.82
C HIS A 164 -6.62 5.48 -4.76
N HIS A 165 -6.26 5.75 -3.52
CA HIS A 165 -6.64 4.87 -2.44
C HIS A 165 -8.13 4.76 -2.25
N VAL A 166 -8.87 5.77 -2.68
CA VAL A 166 -10.32 5.72 -2.54
C VAL A 166 -10.92 4.54 -3.29
N ALA A 167 -10.32 4.19 -4.44
CA ALA A 167 -10.83 3.08 -5.22
C ALA A 167 -10.33 1.84 -4.57
N GLY A 168 -9.00 1.72 -4.56
CA GLY A 168 -8.30 0.56 -4.02
C GLY A 168 -8.33 0.50 -2.52
N ASP A 169 -7.48 -0.37 -1.98
CA ASP A 169 -7.56 -0.85 -0.61
C ASP A 169 -6.16 -1.24 -0.19
N GLY A 170 -5.37 -1.76 -1.14
CA GLY A 170 -4.11 -2.38 -0.79
C GLY A 170 -4.41 -3.83 -1.00
N ALA A 171 -5.23 -4.44 -0.14
CA ALA A 171 -5.74 -5.80 -0.36
C ALA A 171 -6.37 -5.94 -1.75
N THR A 172 -7.23 -4.98 -2.07
CA THR A 172 -7.90 -4.90 -3.38
C THR A 172 -6.96 -4.70 -4.55
N ILE A 173 -6.04 -3.73 -4.45
CA ILE A 173 -5.04 -3.55 -5.52
C ILE A 173 -4.14 -4.76 -5.75
N VAL A 174 -3.67 -5.37 -4.67
CA VAL A 174 -2.83 -6.55 -4.86
C VAL A 174 -3.60 -7.71 -5.53
N LYS A 175 -4.81 -8.00 -5.08
CA LYS A 175 -5.63 -9.00 -5.76
C LYS A 175 -5.61 -8.72 -7.27
N PHE A 176 -5.81 -7.46 -7.63
CA PHE A 176 -5.83 -7.06 -9.01
C PHE A 176 -4.54 -7.33 -9.78
N VAL A 177 -3.39 -6.93 -9.23
CA VAL A 177 -2.16 -7.27 -9.91
C VAL A 177 -2.07 -8.77 -10.07
N ARG A 178 -2.17 -9.49 -8.96
CA ARG A 178 -2.16 -10.94 -8.97
C ARG A 178 -2.95 -11.51 -10.13
N ALA A 179 -4.20 -11.05 -10.25
CA ALA A 179 -5.14 -11.51 -11.27
C ALA A 179 -4.69 -11.17 -12.67
N TRP A 180 -4.18 -9.96 -12.86
CA TRP A 180 -3.61 -9.59 -14.14
C TRP A 180 -2.46 -10.52 -14.50
N ALA A 181 -1.60 -10.80 -13.53
CA ALA A 181 -0.51 -11.72 -13.75
C ALA A 181 -1.05 -13.09 -14.18
N LEU A 182 -1.98 -13.65 -13.41
CA LEU A 182 -2.58 -14.93 -13.78
C LEU A 182 -3.08 -14.90 -15.21
N LEU A 183 -3.72 -13.80 -15.59
CA LEU A 183 -4.38 -13.71 -16.87
C LEU A 183 -3.40 -13.64 -18.03
N ASN A 184 -2.26 -13.01 -17.78
CA ASN A 184 -1.19 -13.01 -18.77
C ASN A 184 -0.52 -14.38 -18.80
N LYS A 185 -0.21 -14.90 -17.62
CA LYS A 185 0.52 -16.16 -17.50
C LYS A 185 -0.15 -17.30 -18.25
N PHE A 186 -1.46 -17.36 -18.19
CA PHE A 186 -2.15 -18.45 -18.85
C PHE A 186 -2.87 -17.97 -20.09
N GLY A 187 -2.31 -16.92 -20.69
CA GLY A 187 -2.78 -16.39 -21.94
C GLY A 187 -4.28 -16.19 -21.94
N GLY A 188 -4.79 -15.52 -20.90
CA GLY A 188 -6.19 -15.15 -20.84
C GLY A 188 -7.20 -16.28 -20.76
N ASP A 189 -6.79 -17.41 -20.20
CA ASP A 189 -7.74 -18.48 -19.90
C ASP A 189 -8.36 -18.23 -18.51
N GLU A 190 -9.59 -17.76 -18.50
CA GLU A 190 -10.27 -17.39 -17.27
C GLU A 190 -10.47 -18.56 -16.31
N GLN A 191 -10.41 -19.79 -16.81
CA GLN A 191 -10.52 -20.97 -15.96
C GLN A 191 -9.39 -21.05 -14.93
N PHE A 192 -8.40 -20.16 -15.06
CA PHE A 192 -7.27 -20.12 -14.14
C PHE A 192 -7.43 -19.06 -13.07
N LEU A 193 -8.39 -18.17 -13.29
CA LEU A 193 -8.68 -17.10 -12.37
C LEU A 193 -9.43 -17.65 -11.15
N ALA A 194 -8.71 -17.75 -10.03
CA ALA A 194 -9.25 -18.29 -8.79
C ALA A 194 -10.36 -17.41 -8.19
N ASN A 195 -11.39 -18.05 -7.64
CA ASN A 195 -12.46 -17.36 -6.93
C ASN A 195 -11.99 -16.16 -6.13
N GLU A 196 -10.88 -16.33 -5.40
CA GLU A 196 -10.33 -15.27 -4.56
C GLU A 196 -9.99 -13.99 -5.32
N PHE A 197 -9.52 -14.13 -6.54
CA PHE A 197 -9.16 -12.95 -7.35
C PHE A 197 -10.32 -12.36 -8.14
N ILE A 198 -11.55 -12.80 -7.88
CA ILE A 198 -12.68 -12.16 -8.51
C ILE A 198 -13.42 -11.27 -7.52
N PRO A 199 -13.40 -9.95 -7.77
CA PRO A 199 -13.96 -8.94 -6.89
C PRO A 199 -15.44 -9.12 -6.63
N PHE A 200 -15.85 -8.76 -5.42
CA PHE A 200 -17.26 -8.77 -5.03
C PHE A 200 -17.73 -7.34 -4.86
N TYR A 201 -18.78 -6.97 -5.56
CA TYR A 201 -19.09 -5.55 -5.73
C TYR A 201 -20.17 -5.01 -4.84
N ASP A 202 -21.35 -5.64 -4.88
CA ASP A 202 -22.54 -5.11 -4.19
C ASP A 202 -22.24 -4.67 -2.75
N ARG A 203 -22.35 -3.37 -2.50
CA ARG A 203 -22.05 -2.81 -1.19
C ARG A 203 -23.18 -3.18 -0.25
N SER A 204 -23.56 -2.31 0.68
CA SER A 204 -24.67 -2.62 1.60
C SER A 204 -24.39 -3.83 2.51
N VAL A 205 -23.58 -4.77 2.02
CA VAL A 205 -22.99 -5.80 2.87
C VAL A 205 -22.04 -5.08 3.84
N ILE A 206 -21.62 -3.88 3.44
CA ILE A 206 -21.07 -2.88 4.35
C ILE A 206 -22.25 -2.21 5.00
N LYS A 207 -22.87 -2.90 5.94
CA LYS A 207 -24.02 -2.36 6.66
C LYS A 207 -23.63 -1.06 7.37
N ASP A 208 -24.53 -0.08 7.35
CA ASP A 208 -24.31 1.17 8.05
C ASP A 208 -25.61 1.63 8.68
N PRO A 209 -25.86 1.25 9.94
CA PRO A 209 -27.05 1.74 10.60
C PRO A 209 -26.91 3.19 11.09
N ASN A 210 -25.71 3.58 11.52
CA ASN A 210 -25.53 4.87 12.18
C ASN A 210 -25.36 6.08 11.27
N GLY A 211 -25.56 5.88 9.96
CA GLY A 211 -25.50 6.97 8.99
C GLY A 211 -24.17 7.72 8.99
N VAL A 212 -23.09 6.96 9.10
CA VAL A 212 -21.75 7.52 9.24
C VAL A 212 -21.17 7.84 7.85
N GLY A 213 -21.59 7.10 6.84
CA GLY A 213 -21.23 7.43 5.47
C GLY A 213 -21.60 8.89 5.19
N MSE A 214 -22.81 9.27 5.60
CA MSE A 214 -23.23 10.67 5.54
C MSE A 214 -22.42 11.51 6.51
O MSE A 214 -21.58 12.31 6.09
CB MSE A 214 -24.72 10.80 5.80
CG MSE A 214 -25.61 10.52 4.57
SE MSE A 214 -25.35 11.68 3.16
CE MSE A 214 -25.69 13.26 3.97
N SER A 215 -22.62 11.32 7.81
CA SER A 215 -21.94 12.10 8.84
C SER A 215 -20.46 12.36 8.51
N ILE A 216 -19.70 11.30 8.28
CA ILE A 216 -18.24 11.38 8.07
C ILE A 216 -17.88 12.01 6.75
N TRP A 217 -18.82 12.74 6.15
CA TRP A 217 -18.63 13.30 4.82
C TRP A 217 -19.21 14.67 4.69
N ASN A 218 -20.50 14.79 4.97
CA ASN A 218 -21.20 16.07 4.84
C ASN A 218 -20.66 17.02 5.91
N GLU A 219 -19.36 16.92 6.09
CA GLU A 219 -18.62 17.64 7.09
C GLU A 219 -17.20 17.81 6.56
N MSE A 220 -16.66 16.77 5.91
CA MSE A 220 -15.45 16.89 5.11
C MSE A 220 -15.75 17.71 3.89
O MSE A 220 -14.86 18.32 3.28
CB MSE A 220 -15.04 15.53 4.61
CG MSE A 220 -13.93 14.88 5.37
SE MSE A 220 -13.38 13.32 4.33
CE MSE A 220 -12.25 14.19 3.00
N LYS A 221 -17.02 17.69 3.50
CA LYS A 221 -17.57 18.35 2.33
C LYS A 221 -17.27 19.85 2.26
N LYS A 222 -16.70 20.38 3.32
CA LYS A 222 -16.47 21.81 3.47
C LYS A 222 -14.99 22.19 3.34
N TYR A 223 -14.14 21.20 3.10
CA TYR A 223 -12.69 21.41 3.02
C TYR A 223 -12.13 20.69 1.80
N LYS A 224 -12.47 21.18 0.61
CA LYS A 224 -12.14 20.49 -0.65
C LYS A 224 -10.72 20.77 -1.06
N HIS A 225 -10.14 21.85 -0.55
CA HIS A 225 -8.74 22.15 -0.83
C HIS A 225 -7.88 21.12 -0.14
N MSE A 226 -8.43 20.50 0.91
CA MSE A 226 -7.78 19.35 1.57
C MSE A 226 -7.73 18.11 0.70
O MSE A 226 -6.76 17.35 0.78
CB MSE A 226 -8.45 19.02 2.90
CG MSE A 226 -7.85 19.77 4.09
SE MSE A 226 -6.03 19.82 4.07
CE MSE A 226 -5.56 18.06 4.21
N MSE A 227 -8.78 17.91 -0.10
CA MSE A 227 -8.87 16.77 -1.02
C MSE A 227 -8.29 17.11 -2.37
O MSE A 227 -9.05 17.36 -3.31
CB MSE A 227 -10.30 16.36 -1.28
CG MSE A 227 -11.09 15.98 -0.09
SE MSE A 227 -12.90 15.77 -0.73
CE MSE A 227 -13.83 16.48 0.84
N LYS A 228 -6.96 17.11 -2.46
CA LYS A 228 -6.34 17.41 -3.74
C LYS A 228 -6.77 16.33 -4.72
N MSE A 229 -7.41 16.79 -5.79
CA MSE A 229 -7.95 15.91 -6.80
C MSE A 229 -6.87 15.59 -7.84
O MSE A 229 -6.95 14.60 -8.57
CB MSE A 229 -9.17 16.57 -7.46
CG MSE A 229 -10.44 16.57 -6.60
SE MSE A 229 -11.42 14.86 -6.56
CE MSE A 229 -10.35 13.89 -5.22
N SER A 230 -5.86 16.46 -7.89
CA SER A 230 -4.75 16.26 -8.80
C SER A 230 -3.67 15.44 -8.13
N ASP A 231 -3.05 14.58 -8.92
CA ASP A 231 -1.89 13.85 -8.50
C ASP A 231 -0.64 14.73 -8.68
N VAL A 232 -0.18 15.34 -7.60
CA VAL A 232 1.04 16.13 -7.65
C VAL A 232 2.18 15.43 -6.90
N VAL A 233 3.17 14.97 -7.65
CA VAL A 233 4.30 14.23 -7.11
C VAL A 233 5.46 15.17 -6.83
N THR A 234 6.04 15.07 -5.63
CA THR A 234 7.34 15.71 -5.39
C THR A 234 8.30 14.64 -4.88
N PRO A 235 9.23 14.20 -5.75
CA PRO A 235 10.24 13.28 -5.25
C PRO A 235 11.18 14.04 -4.27
N PRO A 236 11.42 13.47 -3.07
CA PRO A 236 12.35 14.06 -2.09
C PRO A 236 13.75 13.45 -2.18
N ASP A 237 14.77 14.10 -1.60
CA ASP A 237 16.09 13.44 -1.49
C ASP A 237 16.26 12.72 -0.16
N LYS A 238 15.76 11.48 -0.16
CA LYS A 238 15.89 10.56 0.95
C LYS A 238 16.43 9.31 0.29
N VAL A 239 16.34 8.14 0.90
CA VAL A 239 17.17 7.09 0.36
C VAL A 239 16.67 5.62 0.22
N ARG A 240 15.60 5.19 0.89
CA ARG A 240 15.01 3.89 0.49
C ARG A 240 15.94 2.65 0.47
N GLY A 241 15.80 1.78 1.48
CA GLY A 241 16.46 0.48 1.51
C GLY A 241 15.62 -0.61 2.17
N THR A 242 15.76 -1.84 1.70
CA THR A 242 14.98 -2.96 2.24
C THR A 242 15.75 -3.67 3.36
N PHE A 243 15.01 -4.18 4.34
CA PHE A 243 15.64 -4.93 5.42
C PHE A 243 14.97 -6.26 5.65
N ILE A 244 15.78 -7.31 5.76
CA ILE A 244 15.21 -8.65 5.90
C ILE A 244 15.38 -9.22 7.29
N ILE A 245 14.27 -9.29 7.99
CA ILE A 245 14.21 -9.92 9.28
C ILE A 245 13.76 -11.33 8.99
N THR A 246 14.35 -12.29 9.68
CA THR A 246 14.38 -13.65 9.19
C THR A 246 13.55 -14.58 10.04
N ARG A 247 12.90 -15.54 9.39
CA ARG A 247 12.07 -16.52 10.09
C ARG A 247 12.59 -16.84 11.50
N HIS A 248 13.83 -17.32 11.53
CA HIS A 248 14.59 -17.58 12.73
C HIS A 248 14.59 -16.36 13.65
N ASP A 249 15.06 -15.22 13.15
CA ASP A 249 15.18 -14.03 14.00
C ASP A 249 13.87 -13.62 14.64
N ILE A 250 12.77 -13.80 13.92
CA ILE A 250 11.44 -13.50 14.48
C ILE A 250 11.23 -14.45 15.68
N GLY A 251 11.45 -15.75 15.44
CA GLY A 251 11.39 -16.75 16.48
C GLY A 251 12.14 -16.30 17.72
N LYS A 252 13.41 -15.91 17.53
CA LYS A 252 14.26 -15.46 18.63
C LYS A 252 13.64 -14.31 19.41
N LEU A 253 13.00 -13.39 18.68
CA LEU A 253 12.33 -12.25 19.30
C LEU A 253 11.14 -12.70 20.15
N LYS A 254 10.19 -13.39 19.53
CA LYS A 254 9.08 -14.01 20.26
C LYS A 254 9.59 -14.71 21.54
N ASN A 255 10.66 -15.48 21.36
CA ASN A 255 11.30 -16.15 22.47
C ASN A 255 11.66 -15.15 23.57
N LEU A 256 12.32 -14.07 23.18
CA LEU A 256 12.71 -13.06 24.14
C LEU A 256 11.51 -12.53 24.91
N VAL A 257 10.40 -12.28 24.22
CA VAL A 257 9.25 -11.70 24.89
C VAL A 257 8.78 -12.65 25.96
N LEU A 258 8.46 -13.86 25.53
CA LEU A 258 8.00 -14.93 26.41
C LEU A 258 8.69 -14.88 27.74
N THR A 259 10.01 -14.96 27.68
CA THR A 259 10.86 -15.04 28.84
C THR A 259 10.63 -13.86 29.74
N ARG A 260 10.59 -12.66 29.18
CA ARG A 260 10.63 -11.47 29.98
C ARG A 260 9.27 -11.04 30.47
N ARG A 261 8.35 -10.85 29.53
CA ARG A 261 6.98 -10.55 29.92
C ARG A 261 6.09 -11.72 29.52
N PRO A 262 5.92 -12.69 30.44
CA PRO A 262 5.32 -13.98 30.12
C PRO A 262 3.79 -14.00 30.16
N LYS A 263 3.16 -12.86 30.43
CA LYS A 263 1.75 -12.63 30.10
C LYS A 263 1.74 -12.26 28.60
N LEU A 264 0.63 -11.72 28.12
CA LEU A 264 0.56 -11.27 26.71
C LEU A 264 0.19 -12.43 25.79
N THR A 265 -1.04 -12.41 25.30
CA THR A 265 -1.45 -13.36 24.28
C THR A 265 -0.96 -12.94 22.87
N HIS A 266 -0.95 -11.62 22.64
CA HIS A 266 -0.73 -11.08 21.29
C HIS A 266 0.74 -10.76 20.96
N VAL A 267 1.48 -11.80 20.56
CA VAL A 267 2.91 -11.69 20.22
C VAL A 267 3.12 -12.40 18.88
N THR A 268 2.60 -11.79 17.82
CA THR A 268 2.71 -12.37 16.50
C THR A 268 3.92 -11.77 15.79
N SER A 269 4.38 -12.45 14.75
CA SER A 269 5.53 -12.00 13.94
C SER A 269 5.46 -10.52 13.65
N PHE A 270 4.33 -10.10 13.11
CA PHE A 270 4.03 -8.71 12.85
C PHE A 270 4.37 -7.84 14.02
N THR A 271 3.88 -8.21 15.20
CA THR A 271 4.02 -7.32 16.32
C THR A 271 5.42 -7.34 16.90
N VAL A 272 6.19 -8.41 16.73
CA VAL A 272 7.58 -8.30 17.15
C VAL A 272 8.33 -7.48 16.14
N THR A 273 8.08 -7.74 14.86
CA THR A 273 8.75 -7.03 13.79
C THR A 273 8.59 -5.52 13.92
N CYS A 274 7.35 -5.06 13.85
CA CYS A 274 7.11 -3.65 14.03
C CYS A 274 7.73 -3.14 15.36
N ALA A 275 7.44 -3.81 16.46
CA ALA A 275 8.04 -3.45 17.73
C ALA A 275 9.56 -3.33 17.63
N TYR A 276 10.18 -4.21 16.85
CA TYR A 276 11.63 -4.13 16.74
C TYR A 276 12.05 -2.86 15.99
N VAL A 277 11.55 -2.72 14.77
CA VAL A 277 11.80 -1.54 13.95
C VAL A 277 11.52 -0.27 14.75
N TRP A 278 10.32 -0.19 15.33
CA TRP A 278 9.97 0.93 16.16
C TRP A 278 11.11 1.32 17.08
N THR A 279 11.66 0.37 17.84
CA THR A 279 12.71 0.76 18.79
C THR A 279 13.99 1.16 18.08
N CYS A 280 14.23 0.65 16.87
CA CYS A 280 15.45 0.99 16.17
C CYS A 280 15.36 2.40 15.64
N ILE A 281 14.18 2.74 15.15
CA ILE A 281 13.90 4.09 14.74
C ILE A 281 14.21 5.02 15.90
N ILE A 282 13.57 4.75 17.02
CA ILE A 282 13.67 5.63 18.16
C ILE A 282 15.12 5.73 18.64
N LYS A 283 15.77 4.56 18.74
CA LYS A 283 17.15 4.51 19.20
C LYS A 283 18.14 5.12 18.21
N SER A 284 17.95 4.86 16.91
CA SER A 284 18.86 5.39 15.90
C SER A 284 18.82 6.90 15.73
N GLU A 285 17.76 7.53 16.22
CA GLU A 285 17.62 8.97 16.12
C GLU A 285 18.59 9.66 17.05
N ALA A 286 18.74 9.10 18.25
CA ALA A 286 19.69 9.62 19.23
C ALA A 286 21.09 9.60 18.66
N ALA A 287 21.46 8.48 18.03
CA ALA A 287 22.76 8.34 17.40
C ALA A 287 23.15 9.52 16.52
N THR A 288 22.26 9.96 15.63
CA THR A 288 22.52 11.13 14.79
C THR A 288 22.37 12.39 15.62
N GLY A 289 23.50 12.93 16.09
CA GLY A 289 23.49 14.07 17.00
C GLY A 289 22.20 14.86 16.87
N GLU A 290 21.33 14.74 17.88
CA GLU A 290 20.03 15.38 17.79
C GLU A 290 19.47 15.94 19.08
N GLU A 291 18.89 17.13 18.96
CA GLU A 291 18.04 17.69 19.98
C GLU A 291 16.70 16.93 19.94
N ILE A 292 16.48 16.09 20.95
CA ILE A 292 15.17 15.45 21.06
C ILE A 292 14.55 15.43 22.45
N ASP A 293 13.28 15.81 22.49
CA ASP A 293 12.46 15.79 23.69
C ASP A 293 12.24 14.34 24.13
N GLU A 294 13.10 13.87 25.02
CA GLU A 294 12.99 12.51 25.55
C GLU A 294 11.72 12.31 26.39
N ASN A 295 10.91 13.36 26.52
CA ASN A 295 9.75 13.27 27.36
C ASN A 295 8.47 13.33 26.55
N GLY A 296 8.59 13.81 25.32
CA GLY A 296 7.48 13.91 24.40
C GLY A 296 7.01 12.55 23.94
N MSE A 297 5.71 12.46 23.66
CA MSE A 297 5.08 11.23 23.19
C MSE A 297 5.45 10.84 21.75
O MSE A 297 5.85 11.68 20.93
CB MSE A 297 3.56 11.30 23.36
CG MSE A 297 3.06 11.17 24.81
SE MSE A 297 2.62 9.33 25.35
CE MSE A 297 1.49 9.73 26.91
N GLU A 298 5.28 9.55 21.47
CA GLU A 298 5.74 8.88 20.28
C GLU A 298 4.62 7.93 19.85
N PHE A 299 4.33 7.85 18.57
CA PHE A 299 3.21 7.04 18.12
C PHE A 299 3.60 5.96 17.14
N PHE A 300 2.80 4.91 17.13
CA PHE A 300 2.86 3.87 16.12
C PHE A 300 1.47 3.60 15.62
N GLY A 301 1.31 3.44 14.31
CA GLY A 301 0.00 3.20 13.74
C GLY A 301 0.00 2.19 12.60
N CYS A 302 -1.17 1.66 12.29
CA CYS A 302 -1.28 0.69 11.21
C CYS A 302 -2.72 0.50 10.84
N ALA A 303 -2.94 0.00 9.63
CA ALA A 303 -4.29 -0.24 9.16
C ALA A 303 -4.65 -1.73 9.21
N ALA A 304 -5.74 -2.03 9.91
CA ALA A 304 -6.35 -3.34 9.91
C ALA A 304 -7.00 -3.62 8.56
N ASP A 305 -7.64 -4.78 8.45
CA ASP A 305 -8.49 -5.07 7.32
C ASP A 305 -9.71 -5.71 7.94
N CYS A 306 -10.87 -5.10 7.70
CA CYS A 306 -12.08 -5.40 8.47
C CYS A 306 -12.96 -6.54 8.02
N ARG A 307 -12.61 -7.19 6.92
CA ARG A 307 -13.50 -8.16 6.29
C ARG A 307 -13.97 -9.27 7.24
N ALA A 308 -13.12 -9.66 8.20
CA ALA A 308 -13.51 -10.45 9.37
C ALA A 308 -14.22 -9.57 10.44
N GLN A 309 -15.55 -9.70 10.47
CA GLN A 309 -16.47 -8.73 11.08
C GLN A 309 -17.77 -9.50 11.27
N PHE A 310 -18.25 -9.58 12.51
CA PHE A 310 -19.34 -10.48 12.92
C PHE A 310 -20.34 -10.82 11.80
N ASN A 311 -21.39 -10.00 11.65
CA ASN A 311 -22.53 -10.27 10.75
C ASN A 311 -22.44 -11.67 10.11
N PRO A 312 -22.15 -11.71 8.80
CA PRO A 312 -21.17 -12.66 8.29
C PRO A 312 -19.91 -11.91 7.89
N PRO A 313 -18.72 -12.39 8.28
CA PRO A 313 -17.53 -11.70 7.81
C PRO A 313 -17.63 -11.36 6.32
N LEU A 314 -17.44 -10.08 5.99
CA LEU A 314 -17.47 -9.57 4.60
C LEU A 314 -16.75 -10.44 3.57
N PRO A 315 -17.36 -10.63 2.38
CA PRO A 315 -16.80 -11.52 1.34
C PRO A 315 -15.38 -11.13 1.11
N PRO A 316 -14.45 -12.10 1.13
CA PRO A 316 -13.04 -11.72 1.09
C PRO A 316 -12.63 -11.06 -0.25
N SER A 317 -13.61 -10.70 -1.06
CA SER A 317 -13.35 -10.17 -2.39
C SER A 317 -14.02 -8.83 -2.52
N TYR A 318 -14.74 -8.40 -1.47
CA TYR A 318 -15.41 -7.12 -1.46
C TYR A 318 -14.45 -6.04 -1.94
N PHE A 319 -14.99 -5.15 -2.78
CA PHE A 319 -14.13 -4.29 -3.57
C PHE A 319 -13.46 -3.10 -2.91
N GLY A 320 -14.20 -2.21 -2.28
CA GLY A 320 -13.57 -0.97 -1.79
C GLY A 320 -12.40 -1.06 -0.79
N ASN A 321 -12.44 -0.15 0.18
CA ASN A 321 -11.57 -0.12 1.31
C ASN A 321 -12.30 -0.76 2.48
N ALA A 322 -11.58 -1.47 3.34
CA ALA A 322 -12.11 -1.86 4.66
C ALA A 322 -11.00 -1.77 5.74
N LEU A 323 -10.26 -0.69 5.68
CA LEU A 323 -9.16 -0.42 6.59
C LEU A 323 -9.64 0.32 7.80
N VAL A 324 -9.15 -0.07 8.96
CA VAL A 324 -9.27 0.78 10.14
C VAL A 324 -7.91 0.88 10.82
N GLY A 325 -7.62 2.05 11.37
CA GLY A 325 -6.32 2.35 11.97
C GLY A 325 -6.26 1.95 13.42
N TYR A 326 -5.12 1.41 13.84
CA TYR A 326 -4.82 1.20 15.25
C TYR A 326 -3.65 2.06 15.59
N VAL A 327 -3.67 2.65 16.77
CA VAL A 327 -2.58 3.50 17.18
C VAL A 327 -2.05 3.16 18.59
N ALA A 328 -0.72 3.10 18.71
CA ALA A 328 -0.05 2.92 19.99
C ALA A 328 0.69 4.21 20.34
N ARG A 329 0.92 4.43 21.63
CA ARG A 329 1.55 5.65 22.08
C ARG A 329 2.38 5.46 23.33
N THR A 330 3.49 6.19 23.39
CA THR A 330 4.36 6.21 24.56
C THR A 330 5.40 7.34 24.54
N ARG A 331 5.94 7.68 25.70
CA ARG A 331 6.99 8.68 25.81
C ARG A 331 8.23 8.09 25.20
N GLN A 332 9.05 8.91 24.55
CA GLN A 332 10.28 8.36 23.96
C GLN A 332 11.20 7.80 25.06
N VAL A 333 11.32 8.53 26.17
CA VAL A 333 12.16 8.13 27.30
C VAL A 333 12.23 6.61 27.41
N ASP A 334 11.10 5.99 27.71
CA ASP A 334 11.05 4.56 28.03
C ASP A 334 11.21 3.64 26.80
N LEU A 335 10.77 4.11 25.63
CA LEU A 335 10.92 3.35 24.39
C LEU A 335 12.38 3.21 23.97
N ALA A 336 13.22 4.09 24.50
CA ALA A 336 14.64 4.16 24.15
C ALA A 336 15.52 3.57 25.26
N GLY A 337 14.87 3.07 26.31
CA GLY A 337 15.56 2.54 27.47
C GLY A 337 15.37 1.05 27.76
N LYS A 338 16.25 0.23 27.22
CA LYS A 338 16.52 -1.13 27.77
C LYS A 338 15.38 -2.15 27.82
N GLU A 339 14.22 -1.74 28.33
CA GLU A 339 13.05 -2.59 28.23
C GLU A 339 12.15 -2.04 27.14
N GLY A 340 12.75 -1.30 26.22
CA GLY A 340 12.04 -0.61 25.17
C GLY A 340 11.33 -1.54 24.23
N PHE A 341 12.03 -2.57 23.74
CA PHE A 341 11.41 -3.53 22.83
C PHE A 341 10.31 -4.28 23.52
N THR A 342 10.54 -4.72 24.75
CA THR A 342 9.47 -5.37 25.49
C THR A 342 8.26 -4.46 25.56
N ILE A 343 8.47 -3.17 25.76
CA ILE A 343 7.35 -2.24 25.93
C ILE A 343 6.66 -2.00 24.61
N ALA A 344 7.47 -1.90 23.56
CA ALA A 344 6.97 -1.79 22.20
C ALA A 344 5.99 -2.90 21.88
N VAL A 345 6.36 -4.13 22.18
CA VAL A 345 5.48 -5.27 21.93
C VAL A 345 4.21 -5.19 22.77
N GLU A 346 4.34 -4.78 24.01
CA GLU A 346 3.19 -4.62 24.89
C GLU A 346 2.18 -3.69 24.26
N LEU A 347 2.66 -2.53 23.82
CA LEU A 347 1.78 -1.48 23.35
C LEU A 347 1.13 -1.87 22.05
N ILE A 348 1.96 -2.16 21.06
CA ILE A 348 1.48 -2.53 19.73
C ILE A 348 0.50 -3.69 19.83
N GLY A 349 0.85 -4.69 20.63
CA GLY A 349 0.01 -5.86 20.81
C GLY A 349 -1.35 -5.53 21.37
N GLU A 350 -1.40 -4.79 22.46
CA GLU A 350 -2.65 -4.47 23.13
C GLU A 350 -3.46 -3.41 22.41
N ALA A 351 -2.83 -2.76 21.44
CA ALA A 351 -3.52 -1.83 20.57
C ALA A 351 -4.45 -2.64 19.69
N ILE A 352 -3.94 -3.76 19.18
CA ILE A 352 -4.72 -4.71 18.40
C ILE A 352 -5.68 -5.56 19.26
N ARG A 353 -5.14 -6.21 20.28
CA ARG A 353 -5.94 -7.13 21.09
C ARG A 353 -7.18 -6.42 21.64
N LYS A 354 -7.17 -5.09 21.56
CA LYS A 354 -8.26 -4.26 22.05
C LYS A 354 -9.41 -4.28 21.05
N ARG A 355 -9.24 -3.56 19.94
CA ARG A 355 -10.29 -3.37 18.96
C ARG A 355 -10.17 -4.45 17.88
N MSE A 356 -10.48 -5.70 18.26
CA MSE A 356 -10.48 -6.81 17.30
C MSE A 356 -11.88 -7.15 16.83
O MSE A 356 -12.42 -6.48 15.95
CB MSE A 356 -9.74 -8.04 17.85
CG MSE A 356 -8.29 -8.18 17.36
SE MSE A 356 -8.03 -8.13 15.40
CE MSE A 356 -8.32 -10.02 15.00
N LYS A 357 -12.48 -8.19 17.39
CA LYS A 357 -13.84 -8.58 17.02
C LYS A 357 -14.82 -7.45 17.38
N ASP A 358 -14.26 -6.30 17.76
CA ASP A 358 -15.03 -5.14 18.17
C ASP A 358 -15.76 -4.48 16.99
N GLU A 359 -16.90 -5.06 16.62
CA GLU A 359 -17.72 -4.55 15.54
C GLU A 359 -18.36 -3.21 15.92
N GLU A 360 -18.86 -3.12 17.16
CA GLU A 360 -19.44 -1.88 17.66
C GLU A 360 -18.57 -0.69 17.30
N TRP A 361 -17.32 -0.72 17.73
CA TRP A 361 -16.40 0.38 17.51
C TRP A 361 -16.19 0.75 16.04
N ILE A 362 -16.45 -0.17 15.12
CA ILE A 362 -16.40 0.22 13.72
C ILE A 362 -17.69 0.95 13.32
N LEU A 363 -18.82 0.32 13.56
CA LEU A 363 -20.10 0.80 13.07
C LEU A 363 -20.61 1.96 13.88
N SER A 364 -20.73 1.73 15.19
CA SER A 364 -21.00 2.76 16.16
C SER A 364 -19.63 3.32 16.55
N GLY A 365 -19.61 4.24 17.51
CA GLY A 365 -18.36 4.83 18.00
C GLY A 365 -17.33 4.96 16.90
N SER A 366 -17.82 5.35 15.73
CA SER A 366 -17.03 5.39 14.51
C SER A 366 -15.93 6.42 14.63
N TRP A 367 -15.86 7.04 15.80
CA TRP A 367 -14.67 7.77 16.25
C TRP A 367 -13.50 6.78 16.21
N PHE A 368 -13.62 5.78 15.33
CA PHE A 368 -12.46 5.17 14.73
C PHE A 368 -11.88 6.26 13.81
N LYS A 369 -12.77 7.09 13.26
CA LYS A 369 -12.41 8.24 12.46
C LYS A 369 -11.92 9.41 13.33
N GLU A 370 -11.95 9.22 14.65
CA GLU A 370 -11.54 10.25 15.61
C GLU A 370 -10.25 9.88 16.36
N TYR A 371 -9.22 9.47 15.61
CA TYR A 371 -7.86 9.23 16.14
C TYR A 371 -6.93 10.35 15.68
N ASP A 372 -7.25 11.54 16.15
CA ASP A 372 -6.72 12.80 15.63
C ASP A 372 -6.07 13.63 16.73
N LYS A 373 -5.38 12.96 17.66
CA LYS A 373 -4.55 13.68 18.60
C LYS A 373 -3.11 13.18 18.53
N VAL A 374 -2.76 12.60 17.39
CA VAL A 374 -1.41 12.07 17.17
C VAL A 374 -0.54 13.08 16.43
N ASP A 375 0.76 13.04 16.73
CA ASP A 375 1.73 13.91 16.08
C ASP A 375 2.29 13.18 14.88
N ALA A 376 1.72 13.44 13.72
CA ALA A 376 2.15 12.81 12.50
C ALA A 376 3.67 12.81 12.41
N LYS A 377 4.28 13.89 12.92
CA LYS A 377 5.72 14.07 12.83
C LYS A 377 6.49 13.11 13.72
N ARG A 378 5.86 12.70 14.82
CA ARG A 378 6.51 11.83 15.79
C ARG A 378 5.99 10.39 15.73
N SER A 379 5.55 9.95 14.56
CA SER A 379 4.93 8.64 14.49
C SER A 379 5.51 7.69 13.45
N LEU A 380 5.10 6.42 13.55
CA LEU A 380 5.61 5.35 12.67
C LEU A 380 4.43 4.61 12.09
N SER A 381 4.29 4.67 10.76
CA SER A 381 3.13 4.10 10.10
C SER A 381 3.57 2.95 9.26
N VAL A 382 2.86 1.84 9.37
CA VAL A 382 3.17 0.66 8.59
C VAL A 382 2.28 0.63 7.35
N ALA A 383 2.90 0.26 6.22
CA ALA A 383 2.22 0.22 4.95
C ALA A 383 1.56 -1.14 4.71
N GLY A 384 2.31 -2.08 4.16
CA GLY A 384 1.73 -3.37 3.78
C GLY A 384 1.23 -4.29 4.90
N SER A 385 1.50 -5.59 4.72
CA SER A 385 1.09 -6.67 5.62
C SER A 385 1.80 -7.95 5.21
N PRO A 386 2.18 -8.79 6.18
CA PRO A 386 2.78 -10.10 5.86
C PRO A 386 1.92 -10.91 4.90
N LYS A 387 0.60 -10.89 5.13
CA LYS A 387 -0.37 -11.60 4.30
C LYS A 387 -0.16 -11.29 2.82
N LEU A 388 -0.09 -10.02 2.48
CA LEU A 388 -0.02 -9.62 1.08
C LEU A 388 1.30 -10.10 0.42
N ASP A 389 1.14 -11.07 -0.48
CA ASP A 389 2.24 -11.62 -1.29
C ASP A 389 2.09 -11.20 -2.74
N LEU A 390 2.59 -10.02 -3.04
CA LEU A 390 2.67 -9.50 -4.39
C LEU A 390 3.90 -10.06 -5.07
N TYR A 391 4.66 -10.89 -4.35
CA TYR A 391 5.78 -11.61 -4.92
C TYR A 391 5.29 -12.83 -5.69
N ALA A 392 4.01 -13.12 -5.55
CA ALA A 392 3.39 -14.25 -6.22
C ALA A 392 2.95 -13.88 -7.64
N ALA A 393 3.07 -12.60 -7.95
CA ALA A 393 2.68 -12.06 -9.23
C ALA A 393 3.65 -12.50 -10.32
N ASP A 394 3.43 -13.72 -10.80
CA ASP A 394 4.11 -14.30 -11.93
C ASP A 394 3.31 -13.98 -13.19
N PHE A 395 3.93 -13.26 -14.11
CA PHE A 395 3.27 -12.87 -15.34
C PHE A 395 3.55 -13.88 -16.46
N GLY A 396 4.35 -14.89 -16.16
CA GLY A 396 4.88 -15.76 -17.20
C GLY A 396 6.39 -15.67 -17.23
N TRP A 397 6.94 -14.56 -16.77
CA TRP A 397 8.39 -14.41 -16.72
C TRP A 397 8.92 -14.78 -15.34
N GLY A 398 8.08 -15.41 -14.54
CA GLY A 398 8.49 -15.81 -13.20
C GLY A 398 8.14 -14.74 -12.20
N ARG A 399 8.44 -15.02 -10.93
CA ARG A 399 8.13 -14.10 -9.84
C ARG A 399 9.07 -12.92 -9.92
N PRO A 400 8.76 -11.85 -9.17
CA PRO A 400 9.58 -10.65 -9.33
C PRO A 400 10.87 -10.72 -8.52
N GLU A 401 11.79 -9.82 -8.81
CA GLU A 401 13.08 -9.77 -8.12
C GLU A 401 13.05 -8.82 -6.93
N LYS A 402 12.30 -7.73 -7.06
CA LYS A 402 12.23 -6.71 -6.04
C LYS A 402 10.91 -5.99 -6.11
N LEU A 403 10.37 -5.70 -4.92
CA LEU A 403 9.19 -4.86 -4.73
C LEU A 403 9.56 -3.50 -4.15
N GLU A 404 8.98 -2.43 -4.67
CA GLU A 404 9.20 -1.13 -4.07
C GLU A 404 7.91 -0.36 -3.90
N PHE A 405 7.56 -0.09 -2.63
CA PHE A 405 6.38 0.73 -2.30
C PHE A 405 6.83 2.18 -2.29
N VAL A 406 6.70 2.83 -3.42
CA VAL A 406 7.32 4.10 -3.60
C VAL A 406 6.66 5.17 -2.73
N SER A 407 5.38 5.03 -2.45
CA SER A 407 4.72 6.12 -1.74
C SER A 407 4.85 6.11 -0.21
N ILE A 408 5.81 5.34 0.32
CA ILE A 408 6.18 5.52 1.73
C ILE A 408 7.01 6.80 1.95
N ASP A 409 7.33 7.51 0.87
CA ASP A 409 8.17 8.70 0.92
C ASP A 409 7.42 9.88 1.52
N ASN A 410 6.23 10.14 0.99
CA ASN A 410 5.56 11.43 1.16
C ASN A 410 5.03 11.75 2.56
N ASP A 411 4.81 10.69 3.35
CA ASP A 411 4.40 10.77 4.75
C ASP A 411 5.11 11.90 5.51
N ASP A 412 4.36 12.58 6.40
CA ASP A 412 4.85 13.70 7.21
C ASP A 412 5.76 13.30 8.40
N GLY A 413 5.76 12.00 8.77
CA GLY A 413 6.76 11.48 9.72
C GLY A 413 6.91 9.98 9.71
N ILE A 414 7.93 9.46 9.04
CA ILE A 414 8.31 8.00 8.96
C ILE A 414 7.29 6.84 8.74
N SER A 415 7.39 6.24 7.55
CA SER A 415 6.56 5.10 7.14
C SER A 415 7.37 3.91 6.60
N MSE A 416 6.93 2.69 6.91
CA MSE A 416 7.70 1.51 6.60
C MSE A 416 6.85 0.51 5.84
O MSE A 416 5.74 0.20 6.25
CB MSE A 416 8.19 0.86 7.88
CG MSE A 416 7.04 0.42 8.78
SE MSE A 416 7.45 -1.01 10.10
CE MSE A 416 8.11 -2.37 8.84
N SER A 417 7.39 0.00 4.74
CA SER A 417 6.77 -1.10 4.00
C SER A 417 7.02 -2.42 4.70
N LEU A 418 6.10 -3.36 4.50
CA LEU A 418 6.21 -4.69 5.03
C LEU A 418 5.55 -5.74 4.13
N SER A 419 6.33 -6.71 3.70
CA SER A 419 5.80 -7.80 2.89
C SER A 419 6.56 -9.09 3.18
N LYS A 420 6.10 -10.18 2.57
CA LYS A 420 6.82 -11.45 2.63
C LYS A 420 8.11 -11.31 1.84
N SER A 421 9.14 -12.04 2.25
CA SER A 421 10.36 -12.16 1.47
C SER A 421 10.03 -12.73 0.10
N LYS A 422 10.94 -12.52 -0.83
CA LYS A 422 10.90 -13.19 -2.12
C LYS A 422 11.01 -14.69 -1.91
N ASP A 423 11.81 -15.05 -0.91
CA ASP A 423 12.66 -16.22 -0.95
C ASP A 423 12.36 -17.31 0.10
N SER A 424 12.81 -17.06 1.34
CA SER A 424 12.72 -18.06 2.42
C SER A 424 11.40 -17.95 3.13
N ASP A 425 10.70 -19.08 3.18
CA ASP A 425 9.29 -19.14 3.55
C ASP A 425 8.83 -18.08 4.56
N GLY A 426 9.46 -18.04 5.74
CA GLY A 426 8.98 -17.20 6.83
C GLY A 426 9.66 -15.87 7.08
N ASP A 427 10.61 -15.47 6.24
CA ASP A 427 11.34 -14.19 6.40
C ASP A 427 10.47 -13.03 5.94
N LEU A 428 10.74 -11.83 6.46
CA LEU A 428 10.00 -10.62 6.10
C LEU A 428 10.86 -9.47 5.59
N GLU A 429 10.31 -8.71 4.66
CA GLU A 429 10.97 -7.54 4.10
C GLU A 429 10.39 -6.27 4.70
N ILE A 430 11.30 -5.39 5.15
CA ILE A 430 10.96 -4.10 5.69
C ILE A 430 11.48 -3.05 4.73
N GLY A 431 10.56 -2.20 4.26
CA GLY A 431 10.94 -1.06 3.44
C GLY A 431 10.95 0.20 4.26
N LEU A 432 11.96 1.04 4.01
CA LEU A 432 12.11 2.34 4.67
C LEU A 432 12.60 3.44 3.75
N SER A 433 12.25 4.69 4.06
CA SER A 433 12.67 5.84 3.25
C SER A 433 13.16 6.97 4.14
N LEU A 434 14.46 7.22 4.16
CA LEU A 434 15.01 8.12 5.17
C LEU A 434 16.13 8.99 4.66
N SER A 435 16.48 10.00 5.43
CA SER A 435 17.64 10.81 5.10
C SER A 435 18.88 9.92 5.22
N LYS A 436 19.82 10.10 4.31
CA LYS A 436 20.99 9.23 4.24
C LYS A 436 21.65 8.97 5.60
N THR A 437 21.80 10.01 6.42
CA THR A 437 22.44 9.84 7.76
C THR A 437 21.57 9.05 8.73
N ARG A 438 20.25 9.26 8.67
CA ARG A 438 19.32 8.53 9.49
C ARG A 438 19.37 7.08 9.07
N MSE A 439 19.16 6.86 7.78
CA MSE A 439 19.28 5.55 7.16
C MSE A 439 20.52 4.79 7.57
O MSE A 439 20.43 3.63 7.98
CB MSE A 439 19.26 5.72 5.64
CG MSE A 439 19.43 4.41 4.88
SE MSE A 439 17.99 3.16 5.28
CE MSE A 439 16.53 3.97 4.25
N ASN A 440 21.70 5.42 7.47
CA ASN A 440 22.93 4.82 7.99
C ASN A 440 22.74 4.43 9.44
N ALA A 441 22.36 5.40 10.27
CA ALA A 441 22.13 5.16 11.69
C ALA A 441 21.25 3.93 11.91
N PHE A 442 20.13 3.90 11.22
CA PHE A 442 19.16 2.86 11.42
C PHE A 442 19.66 1.50 10.97
N ALA A 443 20.32 1.46 9.82
CA ALA A 443 20.77 0.18 9.28
C ALA A 443 21.75 -0.50 10.24
N ALA A 444 22.45 0.32 11.02
CA ALA A 444 23.42 -0.19 11.96
C ALA A 444 22.74 -0.71 13.23
N MSE A 445 21.65 -0.07 13.65
CA MSE A 445 20.88 -0.51 14.82
C MSE A 445 20.15 -1.83 14.57
O MSE A 445 20.18 -2.75 15.41
CB MSE A 445 19.85 0.54 15.18
CG MSE A 445 20.39 1.72 15.90
SE MSE A 445 20.93 1.27 17.73
CE MSE A 445 21.20 3.10 18.36
N PHE A 446 19.48 -1.91 13.42
CA PHE A 446 18.80 -3.11 13.02
C PHE A 446 19.79 -4.27 13.05
N THR A 447 20.89 -4.05 12.36
CA THR A 447 21.86 -5.09 12.14
C THR A 447 22.61 -5.49 13.42
N HIS A 448 22.60 -4.60 14.41
CA HIS A 448 23.31 -4.83 15.67
C HIS A 448 22.48 -5.70 16.59
N GLY A 449 21.24 -5.29 16.85
CA GLY A 449 20.33 -6.02 17.72
C GLY A 449 20.15 -7.48 17.37
N ILE A 450 19.91 -7.76 16.09
CA ILE A 450 19.65 -9.13 15.61
C ILE A 450 20.87 -10.04 15.79
N SER A 451 22.05 -9.45 15.66
CA SER A 451 23.28 -10.22 15.73
C SER A 451 23.59 -10.71 17.16
N PHE A 452 22.78 -10.28 18.11
CA PHE A 452 22.90 -10.77 19.50
C PHE A 452 21.75 -11.67 19.84
N LEU A 453 21.06 -12.11 18.80
CA LEU A 453 19.86 -12.88 18.96
C LEU A 453 20.10 -14.33 18.53
C1' MLC B . -2.28 -15.56 12.42
C2' MLC B . -1.85 -15.80 13.87
O2' MLC B . -1.77 -17.21 14.10
C3' MLC B . -0.44 -15.15 13.95
O3' MLC B . 0.65 -16.07 13.98
C4' MLC B . -0.37 -14.36 12.64
O4' MLC B . -1.02 -15.26 11.73
C5' MLC B . -1.15 -13.01 12.80
O5' MLC B . -2.33 -13.06 13.65
P1 MLC B . -3.33 -11.74 13.67
O11 MLC B . -3.60 -11.34 12.26
O12 MLC B . -4.45 -11.99 14.62
O6 MLC B . -2.41 -10.60 14.32
P2 MLC B . -1.15 -10.01 13.51
O21 MLC B . -0.26 -9.62 14.61
O22 MLC B . -0.65 -10.90 12.42
O7 MLC B . -1.71 -8.66 12.82
CPB MLC B . -3.07 -8.26 12.96
CPA MLC B . -3.45 -7.25 11.86
CP7 MLC B . -3.63 -7.99 10.55
CP9 MLC B . -2.34 -6.21 11.69
CP8 MLC B . -4.76 -6.58 12.24
OP3 MLC B . -2.80 -9.16 10.54
CP6 MLC B . -3.23 -6.99 9.44
OP2 MLC B . -4.08 -6.33 8.85
NP2 MLC B . -1.91 -6.88 9.21
P3 MLC B . 2.12 -15.53 13.46
O31 MLC B . 2.97 -15.25 14.79
O32 MLC B . 2.93 -16.75 12.72
O33 MLC B . 2.03 -14.36 12.57
#